data_5N07
#
_entry.id   5N07
#
_cell.length_a   78.760
_cell.length_b   78.760
_cell.length_c   93.260
_cell.angle_alpha   90.00
_cell.angle_beta   90.00
_cell.angle_gamma   120.00
#
_symmetry.space_group_name_H-M   'P 65 2 2'
#
loop_
_entity.id
_entity.type
_entity.pdbx_description
1 polymer 'HTH-type transcriptional repressor NsrR'
2 non-polymer 'IRON/SULFUR CLUSTER'
3 non-polymer 'SULFATE ION'
4 non-polymer 'CHLORIDE ION'
5 water water
#
_entity_poly.entity_id   1
_entity_poly.type   'polypeptide(L)'
_entity_poly.pdbx_seq_one_letter_code
;MRLTKFTDLALRSLMRLAVVRDGDEPLATREVAEVVGVPYTHAAKAITRLQHLGVVEARRGRGGGLTLTDLGRRVSVGWL
VRELEGEAEVVDCEGDNPCPLRGACRLRRALRDAQEAFYAALDPLTVTDLVAAPTGPVLLGLTDRPSGKLAAALEHHHHH
H
;
_entity_poly.pdbx_strand_id   A
#
loop_
_chem_comp.id
_chem_comp.type
_chem_comp.name
_chem_comp.formula
CL non-polymer 'CHLORIDE ION' 'Cl -1'
SF4 non-polymer 'IRON/SULFUR CLUSTER' 'Fe4 S4'
SO4 non-polymer 'SULFATE ION' 'O4 S -2'
#
# COMPACT_ATOMS: atom_id res chain seq x y z
N ARG A 2 -3.80 -10.02 -9.50
CA ARG A 2 -4.33 -9.70 -8.18
C ARG A 2 -3.27 -9.08 -7.22
N LEU A 3 -3.66 -8.02 -6.53
CA LEU A 3 -2.84 -7.31 -5.53
C LEU A 3 -2.82 -8.16 -4.26
N THR A 4 -1.81 -8.06 -3.41
CA THR A 4 -1.86 -8.83 -2.15
C THR A 4 -2.81 -8.17 -1.13
N LYS A 5 -3.42 -9.02 -0.28
CA LYS A 5 -4.16 -8.54 0.89
C LYS A 5 -3.25 -7.64 1.71
N PHE A 6 -1.97 -8.01 1.84
CA PHE A 6 -1.04 -7.24 2.63
C PHE A 6 -0.84 -5.85 2.05
N THR A 7 -0.63 -5.76 0.74
CA THR A 7 -0.47 -4.46 0.09
C THR A 7 -1.72 -3.58 0.29
N ASP A 8 -2.89 -4.13 0.04
CA ASP A 8 -4.12 -3.34 0.20
C ASP A 8 -4.26 -2.84 1.63
N LEU A 9 -4.02 -3.73 2.58
CA LEU A 9 -4.12 -3.41 3.99
C LEU A 9 -3.13 -2.34 4.44
N ALA A 10 -1.92 -2.39 3.92
CA ALA A 10 -0.94 -1.34 4.15
C ALA A 10 -1.44 0.00 3.62
N LEU A 11 -2.00 -0.02 2.42
CA LEU A 11 -2.60 1.19 1.88
C LEU A 11 -3.77 1.70 2.74
N ARG A 12 -4.61 0.79 3.23
CA ARG A 12 -5.73 1.17 4.14
C ARG A 12 -5.23 1.87 5.36
N SER A 13 -4.19 1.30 5.95
CA SER A 13 -3.57 1.87 7.12
C SER A 13 -3.03 3.27 6.89
N LEU A 14 -2.33 3.49 5.77
CA LEU A 14 -1.85 4.83 5.40
C LEU A 14 -2.96 5.83 5.19
N MET A 15 -4.02 5.39 4.53
CA MET A 15 -5.21 6.20 4.31
C MET A 15 -5.77 6.69 5.64
N ARG A 16 -5.87 5.78 6.60
CA ARG A 16 -6.39 6.09 7.93
C ARG A 16 -5.50 7.12 8.63
N LEU A 17 -4.19 6.93 8.53
CA LEU A 17 -3.24 7.89 9.08
C LEU A 17 -3.21 9.21 8.35
N ALA A 18 -3.60 9.22 7.08
CA ALA A 18 -3.62 10.46 6.31
C ALA A 18 -4.78 11.37 6.70
N VAL A 19 -5.83 10.87 7.33
CA VAL A 19 -6.94 11.77 7.71
C VAL A 19 -6.78 12.40 9.10
N VAL A 20 -5.70 12.09 9.81
CA VAL A 20 -5.47 12.67 11.13
C VAL A 20 -5.32 14.19 10.98
N ARG A 21 -6.25 14.94 11.54
CA ARG A 21 -6.14 16.41 11.55
C ARG A 21 -5.05 16.77 12.55
N ASP A 22 -3.99 17.44 12.07
CA ASP A 22 -2.84 17.83 12.92
C ASP A 22 -3.27 18.33 14.30
N GLY A 23 -2.87 17.61 15.35
CA GLY A 23 -3.32 17.88 16.72
C GLY A 23 -4.62 17.19 17.12
N ASP A 24 -5.01 16.14 16.40
CA ASP A 24 -6.12 15.25 16.81
C ASP A 24 -5.59 14.27 17.87
N GLU A 25 -4.81 13.30 17.38
CA GLU A 25 -4.14 12.28 18.18
C GLU A 25 -3.30 11.37 17.27
N PRO A 26 -2.00 11.16 17.59
CA PRO A 26 -1.32 10.00 17.02
C PRO A 26 -2.04 8.69 17.40
N LEU A 27 -2.60 8.01 16.40
CA LEU A 27 -3.36 6.78 16.64
C LEU A 27 -2.48 5.64 17.16
N ALA A 28 -3.07 4.77 17.95
CA ALA A 28 -2.43 3.51 18.29
C ALA A 28 -2.76 2.55 17.15
N THR A 29 -1.93 1.52 16.98
CA THR A 29 -2.12 0.48 15.97
C THR A 29 -3.51 -0.12 16.08
N ARG A 30 -3.91 -0.35 17.31
CA ARG A 30 -5.23 -0.82 17.69
C ARG A 30 -6.39 -0.06 17.02
N GLU A 31 -6.42 1.27 17.20
CA GLU A 31 -7.43 2.18 16.59
C GLU A 31 -7.40 2.04 15.06
N VAL A 32 -6.21 2.02 14.48
CA VAL A 32 -6.10 1.83 13.03
C VAL A 32 -6.75 0.52 12.58
N ALA A 33 -6.36 -0.59 13.21
CA ALA A 33 -6.92 -1.92 12.89
C ALA A 33 -8.44 -2.02 13.05
N GLU A 34 -9.00 -1.42 14.10
CA GLU A 34 -10.44 -1.42 14.33
C GLU A 34 -11.14 -0.64 13.22
N VAL A 35 -10.64 0.55 12.93
CA VAL A 35 -11.26 1.43 11.93
C VAL A 35 -11.18 0.86 10.49
N VAL A 36 -10.06 0.24 10.10
CA VAL A 36 -9.96 -0.30 8.72
C VAL A 36 -10.47 -1.73 8.61
N GLY A 37 -10.92 -2.27 9.74
CA GLY A 37 -11.66 -3.50 9.78
C GLY A 37 -10.82 -4.75 9.61
N VAL A 38 -9.70 -4.84 10.31
CA VAL A 38 -8.86 -6.06 10.34
C VAL A 38 -8.39 -6.38 11.77
N PRO A 39 -7.86 -7.60 11.99
CA PRO A 39 -7.21 -7.87 13.26
C PRO A 39 -5.95 -7.05 13.52
N TYR A 40 -5.65 -6.89 14.80
CA TYR A 40 -4.47 -6.15 15.26
C TYR A 40 -3.19 -6.66 14.61
N THR A 41 -3.03 -7.98 14.60
CA THR A 41 -1.78 -8.61 14.14
C THR A 41 -1.47 -8.25 12.69
N HIS A 42 -2.50 -8.23 11.85
CA HIS A 42 -2.32 -7.83 10.43
C HIS A 42 -1.90 -6.36 10.32
N ALA A 43 -2.65 -5.50 10.98
CA ALA A 43 -2.29 -4.09 11.01
C ALA A 43 -0.89 -3.86 11.53
N ALA A 44 -0.47 -4.63 12.55
CA ALA A 44 0.86 -4.51 13.14
C ALA A 44 1.98 -4.72 12.11
N LYS A 45 1.86 -5.76 11.30
CA LYS A 45 2.82 -6.02 10.22
C LYS A 45 2.89 -4.79 9.31
N ALA A 46 1.72 -4.40 8.82
CA ALA A 46 1.61 -3.31 7.85
C ALA A 46 2.30 -2.04 8.34
N ILE A 47 2.01 -1.65 9.58
CA ILE A 47 2.62 -0.44 10.17
C ILE A 47 4.15 -0.52 10.27
N THR A 48 4.69 -1.69 10.64
CA THR A 48 6.14 -1.86 10.82
C THR A 48 6.84 -1.74 9.46
N ARG A 49 6.26 -2.36 8.44
CA ARG A 49 6.71 -2.13 7.07
C ARG A 49 6.65 -0.67 6.65
N LEU A 50 5.53 0.00 6.88
CA LEU A 50 5.46 1.42 6.53
C LEU A 50 6.50 2.28 7.27
N GLN A 51 6.83 1.85 8.49
CA GLN A 51 7.95 2.43 9.26
C GLN A 51 9.31 2.11 8.62
N HIS A 52 9.53 0.87 8.17
CA HIS A 52 10.70 0.49 7.36
C HIS A 52 10.83 1.40 6.12
N LEU A 53 9.73 1.67 5.46
CA LEU A 53 9.72 2.51 4.26
C LEU A 53 9.85 4.01 4.53
N GLY A 54 9.59 4.42 5.76
CA GLY A 54 9.72 5.83 6.16
C GLY A 54 8.52 6.74 5.90
N VAL A 55 7.38 6.15 5.51
CA VAL A 55 6.17 6.91 5.22
C VAL A 55 5.32 7.06 6.49
N VAL A 56 5.65 6.33 7.56
CA VAL A 56 5.00 6.57 8.87
C VAL A 56 5.97 6.51 10.03
N GLU A 57 5.60 7.14 11.16
CA GLU A 57 6.45 7.30 12.35
C GLU A 57 5.59 7.57 13.64
N ALA A 58 6.07 8.45 14.54
CA ALA A 58 5.47 9.02 15.79
C ALA A 58 5.84 8.32 17.09
N GLY A 65 1.96 5.59 19.39
CA GLY A 65 1.34 6.69 18.67
C GLY A 65 1.91 6.73 17.29
N LEU A 66 1.02 6.84 16.29
CA LEU A 66 1.40 6.75 14.86
C LEU A 66 1.04 7.96 14.01
N THR A 67 1.93 8.33 13.11
CA THR A 67 1.68 9.43 12.18
C THR A 67 2.27 9.14 10.82
N LEU A 68 1.64 9.75 9.82
CA LEU A 68 2.19 9.90 8.47
C LEU A 68 3.34 10.92 8.48
N THR A 69 4.43 10.57 7.82
CA THR A 69 5.60 11.44 7.70
C THR A 69 5.45 12.46 6.55
N ASP A 70 6.40 13.41 6.52
CA ASP A 70 6.59 14.30 5.36
C ASP A 70 6.61 13.46 4.09
N LEU A 71 7.42 12.40 4.12
CA LEU A 71 7.50 11.48 2.99
C LEU A 71 6.15 10.83 2.68
N GLY A 72 5.44 10.36 3.72
CA GLY A 72 4.15 9.68 3.56
C GLY A 72 3.12 10.41 2.73
N ARG A 73 3.09 11.74 2.84
CA ARG A 73 2.08 12.58 2.15
C ARG A 73 2.31 12.75 0.67
N ARG A 74 3.59 12.72 0.30
CA ARG A 74 4.03 13.03 -1.04
C ARG A 74 4.35 11.83 -1.93
N VAL A 75 4.59 10.64 -1.34
CA VAL A 75 4.95 9.47 -2.16
C VAL A 75 3.79 9.05 -3.03
N SER A 76 4.12 8.48 -4.17
CA SER A 76 3.13 8.01 -5.10
C SER A 76 2.59 6.65 -4.67
N VAL A 77 1.35 6.39 -5.05
CA VAL A 77 0.69 5.12 -4.80
C VAL A 77 1.40 4.04 -5.63
N GLY A 78 1.83 4.39 -6.85
CA GLY A 78 2.67 3.48 -7.69
C GLY A 78 3.90 3.00 -6.96
N TRP A 79 4.65 3.92 -6.38
CA TRP A 79 5.84 3.61 -5.64
C TRP A 79 5.55 2.70 -4.46
N LEU A 80 4.55 3.09 -3.66
CA LEU A 80 4.09 2.26 -2.56
C LEU A 80 3.73 0.84 -2.99
N VAL A 81 2.99 0.69 -4.07
CA VAL A 81 2.60 -0.66 -4.49
C VAL A 81 3.80 -1.47 -4.94
N ARG A 82 4.69 -0.83 -5.70
CA ARG A 82 5.93 -1.48 -6.11
C ARG A 82 6.72 -1.96 -4.93
N GLU A 83 6.86 -1.11 -3.91
CA GLU A 83 7.61 -1.48 -2.71
C GLU A 83 6.86 -2.55 -1.95
N LEU A 84 5.57 -2.35 -1.71
CA LEU A 84 4.80 -3.30 -0.90
C LEU A 84 4.68 -4.66 -1.57
N GLU A 85 4.65 -4.71 -2.90
CA GLU A 85 4.50 -5.99 -3.59
C GLU A 85 5.79 -6.75 -3.54
N GLY A 86 6.89 -6.00 -3.41
CA GLY A 86 8.21 -6.58 -3.18
C GLY A 86 8.59 -7.60 -4.21
N GLU A 87 8.83 -8.81 -3.73
CA GLU A 87 9.41 -9.91 -4.51
C GLU A 87 8.50 -10.37 -5.65
N ALA A 88 7.23 -10.61 -5.33
CA ALA A 88 6.19 -11.08 -6.30
C ALA A 88 6.35 -10.52 -7.72
N GLU A 89 6.30 -11.39 -8.71
CA GLU A 89 6.29 -10.98 -10.11
C GLU A 89 4.95 -11.29 -10.74
N VAL A 90 4.75 -10.68 -11.89
CA VAL A 90 3.51 -10.81 -12.63
C VAL A 90 3.21 -12.28 -12.96
N VAL A 91 4.25 -13.05 -13.24
CA VAL A 91 4.12 -14.46 -13.54
C VAL A 91 5.34 -15.14 -12.93
N ASP A 92 5.21 -16.40 -12.52
CA ASP A 92 6.34 -17.18 -12.00
C ASP A 92 6.85 -18.18 -13.06
N CYS A 93 7.92 -17.83 -13.75
CA CYS A 93 8.43 -18.68 -14.82
C CYS A 93 9.27 -19.89 -14.34
N GLU A 94 9.47 -20.00 -13.04
CA GLU A 94 10.18 -21.13 -12.45
C GLU A 94 9.69 -21.43 -11.05
N GLY A 95 8.65 -22.24 -10.93
CA GLY A 95 8.13 -22.55 -9.60
C GLY A 95 8.62 -23.93 -9.20
N ASP A 96 7.67 -24.84 -9.02
CA ASP A 96 8.01 -26.25 -8.77
C ASP A 96 8.28 -26.94 -10.09
N ASN A 97 7.57 -26.53 -11.12
CA ASN A 97 7.76 -27.06 -12.47
C ASN A 97 8.07 -25.85 -13.37
N PRO A 98 9.36 -25.50 -13.49
CA PRO A 98 9.76 -24.34 -14.29
C PRO A 98 9.44 -24.39 -15.77
N CYS A 99 9.17 -23.23 -16.36
CA CYS A 99 8.74 -23.16 -17.74
C CYS A 99 9.88 -23.25 -18.76
N PRO A 100 9.72 -24.13 -19.78
CA PRO A 100 10.73 -24.31 -20.85
C PRO A 100 10.93 -23.13 -21.78
N LEU A 101 10.00 -22.18 -21.80
CA LEU A 101 10.14 -20.97 -22.60
C LEU A 101 10.94 -19.85 -21.94
N ARG A 102 11.26 -20.00 -20.65
CA ARG A 102 12.11 -19.05 -19.93
C ARG A 102 13.26 -18.51 -20.78
N GLY A 103 13.36 -17.20 -20.88
CA GLY A 103 14.48 -16.56 -21.57
C GLY A 103 14.33 -16.40 -23.08
N ALA A 104 13.30 -17.01 -23.67
CA ALA A 104 12.96 -16.80 -25.09
C ALA A 104 11.47 -16.62 -25.22
N CYS A 105 10.90 -15.94 -24.21
CA CYS A 105 9.47 -15.82 -24.09
C CYS A 105 8.99 -14.40 -24.39
N ARG A 106 8.27 -14.27 -25.50
CA ARG A 106 7.71 -12.98 -25.89
C ARG A 106 6.55 -12.60 -24.97
N LEU A 107 5.76 -13.58 -24.54
CA LEU A 107 4.72 -13.35 -23.52
C LEU A 107 5.29 -12.73 -22.24
N ARG A 108 6.39 -13.25 -21.71
CA ARG A 108 6.98 -12.65 -20.53
C ARG A 108 7.26 -11.13 -20.75
N ARG A 109 7.74 -10.75 -21.92
CA ARG A 109 8.11 -9.39 -22.18
C ARG A 109 6.89 -8.51 -22.21
N ALA A 110 5.82 -9.04 -22.80
CA ALA A 110 4.59 -8.35 -22.90
C ALA A 110 4.02 -8.12 -21.52
N LEU A 111 4.16 -9.11 -20.64
CA LEU A 111 3.60 -8.98 -19.30
C LEU A 111 4.38 -8.00 -18.44
N ARG A 112 5.68 -7.80 -18.75
CA ARG A 112 6.48 -6.78 -18.12
C ARG A 112 6.00 -5.42 -18.54
N ASP A 113 5.81 -5.21 -19.86
CA ASP A 113 5.19 -3.96 -20.33
C ASP A 113 3.83 -3.73 -19.66
N ALA A 114 3.01 -4.77 -19.54
CA ALA A 114 1.66 -4.64 -18.97
C ALA A 114 1.72 -4.24 -17.51
N GLN A 115 2.57 -4.92 -16.76
CA GLN A 115 2.75 -4.57 -15.38
C GLN A 115 3.28 -3.12 -15.16
N GLU A 116 4.10 -2.61 -16.08
CA GLU A 116 4.58 -1.26 -15.99
C GLU A 116 3.47 -0.30 -16.29
N ALA A 117 2.61 -0.66 -17.25
CA ALA A 117 1.44 0.17 -17.49
C ALA A 117 0.63 0.27 -16.18
N PHE A 118 0.49 -0.84 -15.45
CA PHE A 118 -0.27 -0.87 -14.18
C PHE A 118 0.28 0.14 -13.17
N TYR A 119 1.56 0.03 -12.85
CA TYR A 119 2.20 1.00 -11.92
C TYR A 119 2.17 2.45 -12.39
N ALA A 120 2.33 2.68 -13.69
CA ALA A 120 2.34 4.05 -14.20
C ALA A 120 1.00 4.73 -14.07
N ALA A 121 -0.08 3.97 -14.16
CA ALA A 121 -1.40 4.52 -13.87
C ALA A 121 -1.54 5.01 -12.43
N LEU A 122 -0.68 4.52 -11.54
CA LEU A 122 -0.72 4.87 -10.12
C LEU A 122 0.36 5.89 -9.70
N ASP A 123 1.37 6.12 -10.54
CA ASP A 123 2.40 7.13 -10.25
C ASP A 123 1.90 8.54 -10.03
N PRO A 124 0.82 8.96 -10.73
CA PRO A 124 0.32 10.33 -10.50
C PRO A 124 -0.42 10.57 -9.18
N LEU A 125 -0.77 9.51 -8.47
CA LEU A 125 -1.54 9.65 -7.26
C LEU A 125 -0.67 9.58 -6.03
N THR A 126 -1.09 10.29 -4.99
CA THR A 126 -0.53 10.12 -3.66
C THR A 126 -1.64 9.69 -2.71
N VAL A 127 -1.29 9.33 -1.48
CA VAL A 127 -2.27 8.99 -0.42
C VAL A 127 -3.17 10.17 -0.15
N THR A 128 -2.62 11.38 -0.27
CA THR A 128 -3.41 12.61 -0.16
C THR A 128 -4.57 12.59 -1.14
N ASP A 129 -4.28 12.26 -2.41
CA ASP A 129 -5.30 12.17 -3.45
C ASP A 129 -6.35 11.10 -3.17
N LEU A 130 -5.95 10.00 -2.53
CA LEU A 130 -6.88 8.91 -2.18
C LEU A 130 -7.84 9.20 -1.03
N VAL A 131 -7.45 10.10 -0.14
CA VAL A 131 -8.30 10.52 1.00
C VAL A 131 -9.00 11.84 0.79
N ALA A 132 -8.84 12.44 -0.39
CA ALA A 132 -9.83 13.40 -0.85
C ALA A 132 -11.18 12.68 -0.89
N ALA A 133 -12.26 13.44 -0.99
CA ALA A 133 -13.60 12.91 -0.91
C ALA A 133 -13.87 11.96 -2.11
N PRO A 134 -14.69 10.94 -1.94
CA PRO A 134 -15.49 10.68 -0.73
C PRO A 134 -14.80 9.94 0.39
N THR A 135 -13.56 9.55 0.19
CA THR A 135 -12.95 8.55 1.05
C THR A 135 -12.57 9.12 2.42
N GLY A 136 -12.00 10.32 2.42
CA GLY A 136 -11.50 10.92 3.64
C GLY A 136 -12.59 11.10 4.67
N PRO A 137 -13.70 11.75 4.26
CA PRO A 137 -14.88 11.83 5.12
C PRO A 137 -15.33 10.48 5.69
N VAL A 138 -15.33 9.42 4.88
CA VAL A 138 -15.82 8.14 5.41
C VAL A 138 -14.90 7.56 6.48
N LEU A 139 -13.59 7.77 6.32
CA LEU A 139 -12.63 7.32 7.33
C LEU A 139 -12.88 8.04 8.64
N LEU A 140 -12.97 9.36 8.57
CA LEU A 140 -13.28 10.17 9.70
C LEU A 140 -14.63 9.77 10.29
N GLY A 141 -15.62 9.58 9.41
CA GLY A 141 -16.92 9.03 9.79
C GLY A 141 -16.80 7.75 10.60
N LEU A 142 -15.95 6.82 10.16
CA LEU A 142 -15.71 5.56 10.90
C LEU A 142 -15.02 5.69 12.28
N THR A 143 -14.51 6.89 12.61
CA THR A 143 -14.01 7.22 13.98
C THR A 143 -15.00 8.11 14.78
N ASP A 144 -16.30 8.03 14.46
CA ASP A 144 -17.32 8.90 15.06
C ASP A 144 -18.09 8.17 16.16
FE1 SF4 B . 7.09 -17.30 -18.09
FE2 SF4 B . 4.58 -17.97 -18.91
FE3 SF4 B . 6.66 -19.53 -19.40
FE4 SF4 B . 6.52 -17.22 -20.65
S1 SF4 B . 5.03 -18.98 -20.86
S2 SF4 B . 8.44 -18.06 -19.74
S3 SF4 B . 5.58 -15.88 -19.06
S4 SF4 B . 5.83 -19.07 -17.33
S SO4 C . -1.07 -12.02 0.99
O1 SO4 C . 0.16 -12.45 0.26
O2 SO4 C . -2.21 -11.91 0.04
O3 SO4 C . -1.42 -13.04 2.02
O4 SO4 C . -0.81 -10.71 1.65
CL CL D . 12.61 -11.70 -20.33
#